data_9G4Q
#
_entry.id   9G4Q
#
_cell.length_a   49.409
_cell.length_b   68.094
_cell.length_c   99.339
_cell.angle_alpha   90.00
_cell.angle_beta   90.00
_cell.angle_gamma   90.00
#
_symmetry.space_group_name_H-M   'P 21 21 21'
#
loop_
_entity.id
_entity.type
_entity.pdbx_description
1 polymer 'RNA (52-MER)'
2 non-polymer 'MAGNESIUM ION'
3 non-polymer 'POTASSIUM ION'
4 water water
#
_entity_poly.entity_id   1
_entity_poly.type   'polyribonucleotide'
_entity_poly.pdbx_seq_one_letter_code
;C(CBV)UUGCAUCCACAUGAUUUGAGAUGGUCACACGUUUUGAGGGCGUGGUAAGG
;
_entity_poly.pdbx_strand_id   A,B
#